data_6GZR
#
_entry.id   6GZR
#
_cell.length_a   1.000
_cell.length_b   1.000
_cell.length_c   1.000
_cell.angle_alpha   90.00
_cell.angle_beta   90.00
_cell.angle_gamma   90.00
#
_symmetry.space_group_name_H-M   'P 1'
#
loop_
_entity.id
_entity.type
_entity.pdbx_description
1 polymer 'tetramethylrhodamine aptamer'
2 non-polymer '5-carboxy methylrhodamine'
#
_entity_poly.entity_id   1
_entity_poly.type   'polyribonucleotide'
_entity_poly.pdbx_seq_one_letter_code
;GGACGACUGAACCGAAAGGUUCUUGGCUGCUUCGGCAGAGGUACGUCC
;
_entity_poly.pdbx_strand_id   A
#
loop_
_chem_comp.id
_chem_comp.type
_chem_comp.name
_chem_comp.formula
A RNA linking ADENOSINE-5'-MONOPHOSPHATE 'C10 H14 N5 O7 P'
C RNA linking CYTIDINE-5'-MONOPHOSPHATE 'C9 H14 N3 O8 P'
FH8 non-polymer '5-carboxy methylrhodamine' 'C25 H23 N2 O5 1'
G RNA linking GUANOSINE-5'-MONOPHOSPHATE 'C10 H14 N5 O8 P'
U RNA linking URIDINE-5'-MONOPHOSPHATE 'C9 H13 N2 O9 P'
#
# COMPACT_ATOMS: atom_id res chain seq x y z
O3 FH8 B . -0.33 7.05 0.96
O5 FH8 B . -0.12 -2.09 -0.27
OE FH8 B . 1.14 2.96 -3.36
C02 FH8 B . 0.17 2.49 -2.43
O2 FH8 B . -0.78 1.74 -2.67
C13 FH8 B . 0.39 2.98 -1.00
C14 FH8 B . 0.48 4.39 -0.78
C15 FH8 B . 0.67 4.92 0.46
C03 FH8 B . 0.81 6.41 0.74
O4 FH8 B . 1.92 6.91 0.75
C16 FH8 B . 0.77 4.06 1.54
C11 FH8 B . 0.69 2.71 1.40
C12 FH8 B . 0.49 2.15 0.13
C01 FH8 B . 0.32 0.65 0.06
C34 FH8 B . -0.82 0.05 0.57
C33 FH8 B . -1.83 0.76 1.30
C32 FH8 B . -2.96 0.10 1.80
C31 FH8 B . -3.15 -1.28 1.53
N2 FH8 B . -4.26 -1.90 1.96
C311 FH8 B . -4.57 -3.27 1.61
C321 FH8 B . -5.30 -1.20 2.70
C36 FH8 B . -2.17 -1.97 0.79
C35 FH8 B . -1.04 -1.33 0.40
C25 FH8 B . 1.05 -1.52 -0.77
C26 FH8 B . 1.92 -2.37 -1.41
C21 FH8 B . 3.10 -1.87 -1.95
N3 FH8 B . 4.01 -2.67 -2.48
C211 FH8 B . 3.79 -4.13 -2.52
C221 FH8 B . 5.31 -2.16 -3.01
C22 FH8 B . 3.32 -0.50 -1.85
C23 FH8 B . 2.43 0.34 -1.24
C24 FH8 B . 1.28 -0.14 -0.63
H14 FH8 B . 0.43 4.98 -1.53
H16 FH8 B . 0.90 4.43 2.41
H11 FH8 B . 0.76 2.14 2.16
H33 FH8 B . -1.72 1.69 1.48
H32 FH8 B . -3.61 0.58 2.31
H313 FH8 B . -4.04 -3.87 2.17
H311 FH8 B . -4.35 -3.42 0.66
H312 FH8 B . -5.53 -3.44 1.75
H321 FH8 B . -5.81 -0.61 2.09
H322 FH8 B . -4.88 -0.65 3.40
H323 FH8 B . -5.91 -1.84 3.11
H36 FH8 B . -2.31 -2.88 0.55
H26 FH8 B . 1.70 -3.29 -1.49
H211 FH8 B . 3.83 -4.49 -1.61
H212 FH8 B . 4.48 -4.55 -3.07
H213 FH8 B . 2.91 -4.32 -2.91
H221 FH8 B . 5.71 -1.55 -2.35
H222 FH8 B . 5.16 -1.68 -3.85
H223 FH8 B . 5.92 -2.91 -3.16
H22 FH8 B . 4.12 -0.15 -2.21
H23 FH8 B . 2.61 1.29 -1.22
O3 FH8 B . -0.06 7.05 -0.20
O5 FH8 B . -0.24 -2.25 -0.46
OE FH8 B . 0.96 2.83 -3.51
C02 FH8 B . -0.02 2.35 -2.57
O2 FH8 B . -0.97 1.61 -2.82
C13 FH8 B . 0.20 2.83 -1.13
C14 FH8 B . 0.30 4.24 -0.92
C15 FH8 B . 0.47 4.76 0.32
C03 FH8 B . 0.59 6.25 0.62
O4 FH8 B . 1.27 6.62 1.57
C16 FH8 B . 0.59 3.90 1.41
C11 FH8 B . 0.53 2.54 1.25
C12 FH8 B . 0.33 1.99 -0.03
C01 FH8 B . 0.17 0.49 -0.10
C34 FH8 B . -0.95 -0.12 0.42
C33 FH8 B . -1.95 0.56 1.17
C32 FH8 B . -3.07 -0.11 1.67
C31 FH8 B . -3.25 -1.49 1.39
N2 FH8 B . -4.35 -2.13 1.84
C311 FH8 B . -4.65 -3.50 1.47
C321 FH8 B . -5.38 -1.44 2.60
C36 FH8 B . -2.28 -2.16 0.63
C35 FH8 B . -1.16 -1.50 0.24
C25 FH8 B . 0.92 -1.65 -0.96
C26 FH8 B . 1.78 -2.50 -1.63
C21 FH8 B . 2.97 -1.97 -2.18
N3 FH8 B . 3.87 -2.76 -2.73
C211 FH8 B . 3.67 -4.22 -2.78
C221 FH8 B . 5.16 -2.22 -3.27
C22 FH8 B . 3.17 -0.61 -2.06
C23 FH8 B . 2.28 0.23 -1.43
C24 FH8 B . 1.14 -0.28 -0.82
H14 FH8 B . 0.22 4.84 -1.65
H16 FH8 B . 0.73 4.26 2.28
H11 FH8 B . 0.62 1.98 2.01
H33 FH8 B . -1.85 1.49 1.35
H32 FH8 B . -3.72 0.35 2.20
H313 FH8 B . -4.42 -3.65 0.53
H311 FH8 B . -5.59 -3.68 1.61
H312 FH8 B . -4.11 -4.11 2.03
H321 FH8 B . -5.97 -2.11 3.03
H322 FH8 B . -5.91 -0.87 2.00
H323 FH8 B . -4.96 -0.89 3.29
H36 FH8 B . -2.40 -3.07 0.40
H26 FH8 B . 1.59 -3.41 -1.71
H211 FH8 B . 2.76 -4.41 -3.10
H212 FH8 B . 3.79 -4.60 -1.88
H213 FH8 B . 4.32 -4.61 -3.40
H221 FH8 B . 5.60 -1.69 -2.58
H222 FH8 B . 4.98 -1.66 -4.05
H223 FH8 B . 5.73 -2.97 -3.54
H22 FH8 B . 3.96 -0.24 -2.44
H23 FH8 B . 2.45 1.17 -1.41
O3 FH8 B . -0.55 6.91 1.05
O5 FH8 B . -0.25 -2.29 0.02
OE FH8 B . 0.81 2.94 -2.95
C02 FH8 B . -0.08 2.34 -2.00
O2 FH8 B . -0.97 1.55 -2.24
C13 FH8 B . 0.14 2.81 -0.55
C14 FH8 B . 0.23 4.21 -0.30
C15 FH8 B . 0.41 4.70 0.95
C03 FH8 B . 0.53 6.18 1.27
O4 FH8 B . 1.58 6.62 1.73
C16 FH8 B . 0.56 3.82 2.01
C11 FH8 B . 0.48 2.46 1.83
C12 FH8 B . 0.28 1.94 0.53
C01 FH8 B . 0.14 0.44 0.43
C34 FH8 B . -0.98 -0.18 0.93
C33 FH8 B . -2.00 0.48 1.69
C32 FH8 B . -3.12 -0.22 2.17
C31 FH8 B . -3.29 -1.58 1.86
N2 FH8 B . -4.39 -2.25 2.27
C311 FH8 B . -4.67 -3.60 1.88
C321 FH8 B . -5.44 -1.58 3.04
C36 FH8 B . -2.30 -2.24 1.08
C35 FH8 B . -1.18 -1.57 0.72
C25 FH8 B . 0.90 -1.69 -0.46
C26 FH8 B . 1.78 -2.50 -1.14
C21 FH8 B . 2.96 -1.97 -1.66
N3 FH8 B . 3.88 -2.73 -2.23
C211 FH8 B . 3.68 -4.19 -2.31
C221 FH8 B . 5.16 -2.19 -2.74
C22 FH8 B . 3.16 -0.60 -1.52
C23 FH8 B . 2.25 0.22 -0.89
C24 FH8 B . 1.11 -0.31 -0.28
H14 FH8 B . 0.15 4.82 -1.02
H16 FH8 B . 0.69 4.16 2.89
H11 FH8 B . 0.58 1.89 2.57
H33 FH8 B . -1.92 1.40 1.89
H32 FH8 B . -3.77 0.23 2.70
H313 FH8 B . -5.63 -3.79 2.00
H311 FH8 B . -4.15 -4.23 2.44
H312 FH8 B . -4.43 -3.74 0.95
H321 FH8 B . -5.02 -1.03 3.75
H322 FH8 B . -6.02 -2.25 3.46
H323 FH8 B . -5.96 -1.00 2.45
H36 FH8 B . -2.42 -3.15 0.84
H26 FH8 B . 1.59 -3.43 -1.24
H211 FH8 B . 2.77 -4.39 -2.64
H212 FH8 B . 3.80 -4.60 -1.42
H213 FH8 B . 4.34 -4.58 -2.92
H221 FH8 B . 5.00 -1.70 -3.58
H222 FH8 B . 5.79 -2.92 -2.90
H223 FH8 B . 5.55 -1.57 -2.08
H22 FH8 B . 3.95 -0.22 -1.89
H23 FH8 B . 2.41 1.16 -0.85
O3 FH8 B . 0.92 7.20 -0.17
O5 FH8 B . -0.48 -2.01 -0.14
OE FH8 B . 1.03 2.87 -3.21
C02 FH8 B . -0.02 2.56 -2.28
O2 FH8 B . -1.05 1.95 -2.54
C13 FH8 B . 0.23 3.03 -0.85
C14 FH8 B . 0.40 4.44 -0.64
C15 FH8 B . 0.62 4.95 0.60
C03 FH8 B . 0.81 6.43 0.88
O4 FH8 B . 0.86 6.82 2.06
C16 FH8 B . 0.69 4.08 1.69
C11 FH8 B . 0.54 2.73 1.54
C12 FH8 B . 0.31 2.19 0.26
C01 FH8 B . 0.09 0.70 0.19
C34 FH8 B . -1.07 0.16 0.73
C33 FH8 B . -2.03 0.89 1.49
C32 FH8 B . -3.19 0.28 2.00
C31 FH8 B . -3.44 -1.08 1.73
N2 FH8 B . -4.57 -1.66 2.18
C311 FH8 B . -4.94 -3.02 1.84
C321 FH8 B . -5.56 -0.91 2.95
C36 FH8 B . -2.51 -1.82 0.96
C35 FH8 B . -1.35 -1.21 0.56
C25 FH8 B . 0.71 -1.49 -0.66
C26 FH8 B . 1.51 -2.38 -1.33
C21 FH8 B . 2.71 -1.92 -1.88
N3 FH8 B . 3.57 -2.75 -2.45
C211 FH8 B . 3.29 -4.21 -2.49
C221 FH8 B . 4.88 -2.30 -3.00
C22 FH8 B . 2.99 -0.57 -1.79
C23 FH8 B . 2.15 0.33 -1.15
C24 FH8 B . 0.99 -0.12 -0.52
H14 FH8 B . 0.36 5.03 -1.38
H16 FH8 B . 0.84 4.45 2.55
H11 FH8 B . 0.61 2.17 2.30
H33 FH8 B . -1.88 1.82 1.66
H32 FH8 B . -3.79 0.78 2.53
H313 FH8 B . -4.72 -3.18 0.88
H311 FH8 B . -5.90 -3.14 1.97
H312 FH8 B . -4.44 -3.65 2.39
H321 FH8 B . -6.17 -1.54 3.40
H322 FH8 B . -6.07 -0.34 2.35
H323 FH8 B . -5.10 -0.36 3.63
H36 FH8 B . -2.69 -2.72 0.73
H26 FH8 B . 1.26 -3.29 -1.40
H211 FH8 B . 3.90 -4.64 -3.12
H212 FH8 B . 2.36 -4.35 -2.78
H213 FH8 B . 3.42 -4.58 -1.60
H221 FH8 B . 5.23 -2.97 -3.62
H222 FH8 B . 5.52 -2.17 -2.27
H223 FH8 B . 4.75 -1.45 -3.47
H22 FH8 B . 3.80 -0.24 -2.16
H23 FH8 B . 2.37 1.24 -1.13
O3 FH8 B . -0.34 7.17 0.33
O5 FH8 B . -0.24 -2.08 -0.22
OE FH8 B . 1.05 2.99 -3.28
C02 FH8 B . 0.07 2.49 -2.36
O2 FH8 B . -0.87 1.76 -2.62
C13 FH8 B . 0.25 3.00 -0.92
C14 FH8 B . 0.35 4.41 -0.71
C15 FH8 B . 0.50 4.93 0.53
C03 FH8 B . 0.62 6.41 0.81
O4 FH8 B . 1.58 6.83 1.47
C16 FH8 B . 0.59 4.08 1.62
C11 FH8 B . 0.52 2.72 1.47
C12 FH8 B . 0.35 2.16 0.19
C01 FH8 B . 0.19 0.67 0.12
C34 FH8 B . -0.96 0.07 0.62
C33 FH8 B . -1.98 0.75 1.34
C32 FH8 B . -3.13 0.09 1.81
C31 FH8 B . -3.30 -1.29 1.53
N2 FH8 B . -4.42 -1.92 1.95
C311 FH8 B . -4.71 -3.29 1.59
C321 FH8 B . -5.47 -1.21 2.68
C36 FH8 B . -2.30 -1.97 0.80
C35 FH8 B . -1.17 -1.32 0.44
C25 FH8 B . 0.95 -1.50 -0.69
C26 FH8 B . 1.81 -2.35 -1.33
C21 FH8 B . 3.02 -1.84 -1.84
N3 FH8 B . 3.93 -2.63 -2.37
C211 FH8 B . 3.72 -4.10 -2.41
C221 FH8 B . 5.24 -2.12 -2.87
C22 FH8 B . 3.22 -0.48 -1.74
C23 FH8 B . 2.32 0.37 -1.13
C24 FH8 B . 1.17 -0.13 -0.56
H14 FH8 B . 0.30 4.99 -1.46
H16 FH8 B . 0.71 4.45 2.49
H11 FH8 B . 0.59 2.15 2.24
H33 FH8 B . -1.88 1.68 1.51
H32 FH8 B . -3.77 0.56 2.31
H313 FH8 B . -4.17 -3.89 2.15
H311 FH8 B . -4.48 -3.44 0.65
H312 FH8 B . -5.66 -3.46 1.73
H321 FH8 B . -5.06 -0.66 3.37
H322 FH8 B . -6.07 -1.87 3.09
H323 FH8 B . -5.97 -0.64 2.06
H36 FH8 B . -2.43 -2.88 0.58
H26 FH8 B . 1.62 -3.28 -1.41
H211 FH8 B . 4.39 -4.51 -3.00
H212 FH8 B . 2.83 -4.29 -2.76
H213 FH8 B . 3.81 -4.47 -1.51
H221 FH8 B . 5.62 -1.50 -2.21
H222 FH8 B . 5.10 -1.64 -3.71
H223 FH8 B . 5.86 -2.87 -3.01
H22 FH8 B . 4.03 -0.11 -2.09
H23 FH8 B . 2.49 1.30 -1.13
O3 FH8 B . 0.06 6.89 1.86
O5 FH8 B . -0.19 -2.08 -0.14
OE FH8 B . 1.13 3.03 -3.13
C02 FH8 B . 0.17 2.54 -2.18
O2 FH8 B . -0.80 1.84 -2.42
C13 FH8 B . 0.43 3.00 -0.73
C14 FH8 B . 0.58 4.40 -0.49
C15 FH8 B . 0.80 4.88 0.76
C03 FH8 B . 0.98 6.35 1.07
O4 FH8 B . 1.94 6.96 0.61
C16 FH8 B . 0.90 3.99 1.82
C11 FH8 B . 0.78 2.65 1.65
C12 FH8 B . 0.53 2.13 0.35
C01 FH8 B . 0.33 0.64 0.25
C34 FH8 B . -0.82 0.06 0.77
C33 FH8 B . -1.78 0.77 1.55
C32 FH8 B . -2.93 0.12 2.04
C31 FH8 B . -3.16 -1.24 1.74
N2 FH8 B . -4.28 -1.85 2.18
C311 FH8 B . -4.62 -3.20 1.80
C321 FH8 B . -5.28 -1.13 2.97
C36 FH8 B . -2.22 -1.94 0.96
C35 FH8 B . -1.08 -1.31 0.57
C25 FH8 B . 0.98 -1.52 -0.65
C26 FH8 B . 1.81 -2.39 -1.34
C21 FH8 B . 3.00 -1.90 -1.88
N3 FH8 B . 3.88 -2.70 -2.46
C211 FH8 B . 3.61 -4.16 -2.54
C221 FH8 B . 5.17 -2.21 -3.00
C22 FH8 B . 3.26 -0.54 -1.75
C23 FH8 B . 2.41 0.32 -1.10
C24 FH8 B . 1.25 -0.16 -0.48
H14 FH8 B . 0.52 5.00 -1.22
H16 FH8 B . 1.06 4.34 2.70
H11 FH8 B . 0.86 2.06 2.39
H33 FH8 B . -1.65 1.68 1.74
H32 FH8 B . -3.55 0.60 2.59
H313 FH8 B . -4.46 -3.31 0.83
H311 FH8 B . -5.57 -3.36 1.98
H312 FH8 B . -4.09 -3.83 2.31
H321 FH8 B . -4.83 -0.60 3.66
H322 FH8 B . -5.89 -1.78 3.40
H323 FH8 B . -5.80 -0.54 2.38
H36 FH8 B . -2.38 -2.83 0.71
H26 FH8 B . 1.58 -3.30 -1.44
H211 FH8 B . 4.24 -4.56 -3.18
H212 FH8 B . 2.69 -4.32 -2.83
H213 FH8 B . 3.75 -4.56 -1.65
H221 FH8 B . 5.03 -1.78 -3.87
H222 FH8 B . 5.79 -2.97 -3.12
H223 FH8 B . 5.57 -1.56 -2.37
H22 FH8 B . 4.07 -0.19 -2.12
H23 FH8 B . 2.61 1.25 -1.07
O3 FH8 B . 2.33 6.80 0.43
O5 FH8 B . 0.15 -2.20 -0.20
OE FH8 B . 1.21 2.92 -3.36
C02 FH8 B . 0.34 2.36 -2.35
O2 FH8 B . -0.57 1.58 -2.54
C13 FH8 B . 0.64 2.86 -0.93
C14 FH8 B . 0.77 4.27 -0.73
C15 FH8 B . 1.02 4.79 0.50
C03 FH8 B . 1.17 6.28 0.78
O4 FH8 B . 0.25 6.89 1.30
C16 FH8 B . 1.17 3.93 1.58
C11 FH8 B . 1.06 2.58 1.44
C12 FH8 B . 0.80 2.02 0.17
C01 FH8 B . 0.62 0.53 0.11
C34 FH8 B . -0.51 -0.06 0.67
C33 FH8 B . -1.46 0.65 1.46
C32 FH8 B . -2.59 -0.01 2.00
C31 FH8 B . -2.80 -1.37 1.73
N2 FH8 B . -3.89 -1.99 2.21
C311 FH8 B . -4.22 -3.37 1.87
C321 FH8 B . -4.89 -1.28 3.00
C36 FH8 B . -1.86 -2.07 0.95
C35 FH8 B . -0.74 -1.44 0.51
C25 FH8 B . 1.30 -1.65 -0.75
C26 FH8 B . 2.13 -2.51 -1.43
C21 FH8 B . 3.29 -2.01 -2.02
N3 FH8 B . 4.16 -2.81 -2.60
C211 FH8 B . 3.93 -4.27 -2.63
C221 FH8 B . 5.44 -2.31 -3.18
C22 FH8 B . 3.53 -0.65 -1.93
C23 FH8 B . 2.67 0.21 -1.28
C24 FH8 B . 1.54 -0.27 -0.62
H14 FH8 B . 0.67 4.86 -1.47
H16 FH8 B . 1.35 4.30 2.44
H11 FH8 B . 1.18 2.02 2.20
H33 FH8 B . -1.35 1.58 1.62
H32 FH8 B . -3.20 0.48 2.54
H313 FH8 B . -3.66 -3.97 2.39
H311 FH8 B . -4.06 -3.51 0.91
H312 FH8 B . -5.16 -3.53 2.08
H321 FH8 B . -4.44 -0.73 3.68
H322 FH8 B . -5.48 -1.92 3.45
H323 FH8 B . -5.42 -0.71 2.42
H36 FH8 B . -2.01 -2.98 0.72
H26 FH8 B . 1.91 -3.42 -1.50
H211 FH8 B . 3.01 -4.45 -2.92
H212 FH8 B . 4.07 -4.65 -1.73
H213 FH8 B . 4.56 -4.69 -3.26
H221 FH8 B . 5.27 -1.89 -4.05
H222 FH8 B . 6.06 -3.07 -3.31
H223 FH8 B . 5.85 -1.65 -2.57
H22 FH8 B . 4.31 -0.29 -2.33
H23 FH8 B . 2.85 1.15 -1.27
O3 FH8 B . 0.02 6.92 1.49
O5 FH8 B . -0.12 -2.12 -0.23
OE FH8 B . 1.17 2.91 -3.34
C02 FH8 B . 0.22 2.45 -2.38
O2 FH8 B . -0.75 1.72 -2.62
C13 FH8 B . 0.46 2.94 -0.96
C14 FH8 B . 0.59 4.35 -0.75
C15 FH8 B . 0.80 4.87 0.48
C03 FH8 B . 0.97 6.35 0.76
O4 FH8 B . 1.95 6.94 0.32
C16 FH8 B . 0.91 4.01 1.57
C11 FH8 B . 0.80 2.66 1.42
C12 FH8 B . 0.56 2.11 0.15
C01 FH8 B . 0.37 0.61 0.09
C34 FH8 B . -0.77 0.04 0.63
C33 FH8 B . -1.75 0.76 1.39
C32 FH8 B . -2.88 0.12 1.90
C31 FH8 B . -3.10 -1.25 1.63
N2 FH8 B . -4.22 -1.86 2.08
C311 FH8 B . -4.55 -3.22 1.74
C321 FH8 B . -5.22 -1.13 2.85
C36 FH8 B . -2.16 -1.96 0.87
C35 FH8 B . -1.02 -1.33 0.46
C25 FH8 B . 1.05 -1.57 -0.76
C26 FH8 B . 1.88 -2.44 -1.42
C21 FH8 B . 3.06 -1.96 -1.98
N3 FH8 B . 3.94 -2.77 -2.54
C211 FH8 B . 3.69 -4.23 -2.57
C221 FH8 B . 5.24 -2.28 -3.08
C22 FH8 B . 3.31 -0.60 -1.88
C23 FH8 B . 2.45 0.27 -1.25
C24 FH8 B . 1.30 -0.19 -0.62
H14 FH8 B . 0.54 4.94 -1.50
H16 FH8 B . 1.07 4.38 2.43
H11 FH8 B . 0.88 2.09 2.18
H33 FH8 B . -1.62 1.69 1.55
H32 FH8 B . -3.51 0.61 2.43
H313 FH8 B . -4.34 -3.38 0.79
H311 FH8 B . -5.52 -3.37 1.88
H312 FH8 B . -4.04 -3.84 2.29
H321 FH8 B . -5.83 -1.76 3.29
H322 FH8 B . -5.75 -0.55 2.25
H323 FH8 B . -4.79 -0.57 3.53
H36 FH8 B . -2.32 -2.87 0.64
H26 FH8 B . 1.64 -3.36 -1.49
H211 FH8 B . 2.80 -4.40 -2.93
H212 FH8 B . 3.75 -4.60 -1.67
H213 FH8 B . 4.36 -4.67 -3.14
H221 FH8 B . 5.70 -1.75 -2.41
H222 FH8 B . 5.08 -1.74 -3.88
H223 FH8 B . 5.80 -3.06 -3.32
H22 FH8 B . 4.11 -0.25 -2.26
H23 FH8 B . 2.65 1.21 -1.24
O3 FH8 B . -1.35 7.38 1.72
O5 FH8 B . -0.42 -1.67 0.29
OE FH8 B . 0.33 3.49 -2.83
C02 FH8 B . -0.55 2.90 -1.87
O2 FH8 B . -1.42 2.07 -2.09
C13 FH8 B . -0.36 3.42 -0.45
C14 FH8 B . -0.37 4.84 -0.24
C15 FH8 B . -0.23 5.38 1.00
C03 FH8 B . -0.21 6.87 1.28
O4 FH8 B . 0.83 7.51 1.09
C16 FH8 B . -0.02 4.54 2.09
C11 FH8 B . 0.00 3.18 1.94
C12 FH8 B . -0.17 2.60 0.67
C01 FH8 B . -0.21 1.10 0.61
C34 FH8 B . -1.28 0.41 1.13
C33 FH8 B . -2.34 1.02 1.88
C32 FH8 B . -3.42 0.27 2.38
C31 FH8 B . -3.49 -1.12 2.11
N2 FH8 B . -4.55 -1.84 2.55
C311 FH8 B . -4.73 -3.22 2.20
C321 FH8 B . -5.63 -1.21 3.31
C36 FH8 B . -2.47 -1.73 1.36
C35 FH8 B . -1.40 -0.98 0.97
C25 FH8 B . 0.70 -1.00 -0.22
C26 FH8 B . 1.62 -1.78 -0.87
C21 FH8 B . 2.77 -1.18 -1.41
N3 FH8 B . 3.73 -1.91 -1.95
C211 FH8 B . 3.63 -3.38 -1.99
C221 FH8 B . 4.98 -1.29 -2.49
C22 FH8 B . 2.87 0.19 -1.31
C23 FH8 B . 1.91 0.97 -0.70
C24 FH8 B . 0.81 0.38 -0.09
H14 FH8 B . -0.49 5.41 -0.98
H16 FH8 B . 0.09 4.91 2.95
H11 FH8 B . 0.14 2.63 2.71
H33 FH8 B . -2.32 1.96 2.04
H32 FH8 B . -4.10 0.69 2.89
H313 FH8 B . -5.68 -3.46 2.30
H311 FH8 B . -4.20 -3.78 2.81
H312 FH8 B . -4.45 -3.37 1.28
H321 FH8 B . -6.19 -0.68 2.69
H322 FH8 B . -5.26 -0.62 3.99
H323 FH8 B . -6.18 -1.90 3.73
H36 FH8 B . -2.53 -2.64 1.14
H26 FH8 B . 1.50 -2.72 -0.94
H211 FH8 B . 4.31 -3.73 -2.60
H212 FH8 B . 2.74 -3.64 -2.30
H213 FH8 B . 3.79 -3.74 -1.08
H221 FH8 B . 5.65 -1.98 -2.65
H222 FH8 B . 5.32 -0.63 -1.85
H223 FH8 B . 4.79 -0.83 -3.34
H22 FH8 B . 3.63 0.62 -1.69
H23 FH8 B . 2.01 1.92 -0.69
O3 FH8 B . -1.26 7.47 1.34
O5 FH8 B . -0.45 -1.66 0.22
OE FH8 B . 0.17 3.58 -2.92
C02 FH8 B . -0.61 2.92 -1.90
O2 FH8 B . -1.42 2.03 -2.09
C13 FH8 B . -0.35 3.43 -0.48
C14 FH8 B . -0.34 4.85 -0.27
C15 FH8 B . -0.13 5.38 0.96
C03 FH8 B . -0.09 6.87 1.24
O4 FH8 B . 1.00 7.42 1.37
C16 FH8 B . 0.09 4.53 2.04
C11 FH8 B . 0.10 3.17 1.89
C12 FH8 B . -0.13 2.60 0.62
C01 FH8 B . -0.19 1.10 0.56
C34 FH8 B . -1.30 0.43 1.06
C33 FH8 B . -2.35 1.05 1.80
C32 FH8 B . -3.44 0.32 2.29
C31 FH8 B . -3.54 -1.06 2.01
N2 FH8 B . -4.60 -1.76 2.43
C311 FH8 B . -4.81 -3.15 2.08
C321 FH8 B . -5.69 -1.12 3.18
C36 FH8 B . -2.51 -1.69 1.27
C35 FH8 B . -1.42 -0.96 0.90
C25 FH8 B . 0.69 -1.01 -0.26
C26 FH8 B . 1.61 -1.81 -0.91
C21 FH8 B . 2.77 -1.23 -1.44
N3 FH8 B . 3.72 -1.96 -1.98
C211 FH8 B . 3.60 -3.43 -2.02
C221 FH8 B . 4.99 -1.36 -2.50
C22 FH8 B . 2.89 0.15 -1.34
C23 FH8 B . 1.93 0.94 -0.74
C24 FH8 B . 0.82 0.38 -0.14
H14 FH8 B . -0.47 5.43 -1.01
H16 FH8 B . 0.24 4.90 2.90
H11 FH8 B . 0.26 2.61 2.64
H33 FH8 B . -2.31 2.00 1.96
H32 FH8 B . -4.12 0.75 2.79
H313 FH8 B . -5.77 -3.36 2.16
H311 FH8 B . -4.29 -3.72 2.69
H312 FH8 B . -4.52 -3.30 1.16
H321 FH8 B . -6.23 -0.59 2.56
H322 FH8 B . -5.31 -0.54 3.87
H323 FH8 B . -6.25 -1.81 3.60
H36 FH8 B . -2.58 -2.61 1.04
H26 FH8 B . 1.46 -2.74 -0.99
H211 FH8 B . 2.72 -3.68 -2.37
H212 FH8 B . 3.70 -3.80 -1.12
H213 FH8 B . 4.30 -3.80 -2.60
H221 FH8 B . 5.30 -0.68 -1.88
H222 FH8 B . 4.82 -0.96 -3.37
H223 FH8 B . 5.67 -2.06 -2.59
H22 FH8 B . 3.66 0.57 -1.71
H23 FH8 B . 2.05 1.89 -0.73
#